data_9GY3
#
_entry.id   9GY3
#
_cell.length_a   53.501
_cell.length_b   53.501
_cell.length_c   236.121
_cell.angle_alpha   90.000
_cell.angle_beta   90.000
_cell.angle_gamma   120.000
#
_symmetry.space_group_name_H-M   'P 31'
#
loop_
_entity.id
_entity.type
_entity.pdbx_description
1 polymer 'Protein cereblon'
2 non-polymer 2-[3-[2-[4-[[(5~{S})-1,3-bis(oxidanylidene)-2,7-diazaspiro[4.4]nonan-7-yl]sulfonylamino]piperidin-1-yl]ethylcarbamoyl]phenyl]-~{N}-cyclobutyl-imidazo[1,2-a]pyridine-6-carboxamide
3 non-polymer 'ZINC ION'
4 water water
#
_entity_poly.entity_id   1
_entity_poly.type   'polypeptide(L)'
_entity_poly.pdbx_seq_one_letter_code
;SAKKPNIINFDTSLPTSHTYLGADMEEFHGRTLHDDDSIQVIPVLPQVMMILVPGQTLPLQLFHPQEVSMVRNLIQNDRT
FAVLAYSNVQEREAEFGTTAEIYAYREEQDFGIEIVKVKAIGRQRFKVLELRTQSDGIQQAKVQILPEGSGDAETLMDRI
KKQLREWDENLKDDSLPSNPIDFSYWVAANLPIDDSLRIQLLKIDSAIQRLRCELDIMNKCTSLCCKQCQETEITTKNEI
FSLSREGPMAAYVNPHGYVHEILTVYKACNLNLIGRPSTEHSWFPGYAWTVAQCKICASHIGWKFTATKKDMSPQKFWGL
TRSALIPTI
;
_entity_poly.pdbx_strand_id   A,C
#
# COMPACT_ATOMS: atom_id res chain seq x y z
N ASN A 6 11.62 -23.80 26.11
CA ASN A 6 12.71 -23.81 27.09
C ASN A 6 13.94 -24.48 26.51
N ILE A 7 13.79 -25.05 25.31
CA ILE A 7 14.88 -25.65 24.56
C ILE A 7 14.86 -25.05 23.16
N ILE A 8 16.04 -24.83 22.58
CA ILE A 8 16.16 -24.11 21.32
C ILE A 8 16.94 -24.95 20.33
N ASN A 9 16.28 -25.34 19.24
CA ASN A 9 16.92 -25.86 18.04
C ASN A 9 16.63 -24.79 16.97
N PHE A 10 17.55 -23.83 16.86
CA PHE A 10 17.36 -22.69 15.95
C PHE A 10 18.64 -21.88 15.86
N ASP A 11 19.10 -21.61 14.65
CA ASP A 11 20.23 -20.71 14.45
C ASP A 11 19.83 -19.30 14.90
N THR A 12 20.12 -18.96 16.15
CA THR A 12 19.69 -17.68 16.70
C THR A 12 20.28 -16.50 15.92
N SER A 13 21.41 -16.70 15.23
CA SER A 13 21.99 -15.67 14.38
C SER A 13 21.36 -15.60 12.99
N LEU A 14 20.27 -16.34 12.75
CA LEU A 14 19.59 -16.32 11.46
C LEU A 14 18.65 -15.12 11.32
N PRO A 15 17.81 -14.80 12.33
CA PRO A 15 16.95 -13.62 12.17
C PRO A 15 17.70 -12.31 11.98
N THR A 16 18.91 -12.19 12.53
CA THR A 16 19.69 -10.97 12.36
C THR A 16 20.14 -10.76 10.92
N SER A 17 20.17 -11.82 10.11
CA SER A 17 20.61 -11.70 8.73
C SER A 17 19.53 -11.18 7.81
N HIS A 18 18.27 -11.23 8.23
CA HIS A 18 17.13 -10.76 7.43
C HIS A 18 17.16 -11.39 6.03
N THR A 19 17.16 -12.73 6.03
CA THR A 19 17.25 -13.48 4.77
C THR A 19 16.04 -13.21 3.88
N TYR A 20 14.89 -12.90 4.49
CA TYR A 20 13.69 -12.64 3.70
C TYR A 20 13.86 -11.46 2.76
N LEU A 21 14.77 -10.53 3.09
CA LEU A 21 15.00 -9.37 2.24
C LEU A 21 15.64 -9.77 0.91
N GLY A 22 16.71 -10.55 0.98
CA GLY A 22 17.39 -10.97 -0.23
C GLY A 22 18.48 -11.95 0.09
N ALA A 23 18.90 -12.70 -0.93
CA ALA A 23 19.95 -13.70 -0.79
C ALA A 23 21.27 -13.07 -0.35
N ASP A 24 21.85 -12.24 -1.20
CA ASP A 24 23.13 -11.62 -0.92
C ASP A 24 23.06 -10.14 -1.29
N MET A 25 23.45 -9.28 -0.35
CA MET A 25 23.45 -7.84 -0.55
C MET A 25 24.86 -7.29 -0.40
N GLU A 26 25.13 -6.19 -1.10
CA GLU A 26 26.44 -5.56 -1.05
C GLU A 26 26.76 -5.05 0.34
N GLU A 27 27.75 -5.66 0.99
CA GLU A 27 28.15 -5.21 2.32
C GLU A 27 29.08 -4.01 2.22
N PHE A 28 29.11 -3.22 3.30
CA PHE A 28 29.95 -2.03 3.38
C PHE A 28 30.69 -2.05 4.70
N HIS A 29 32.00 -1.81 4.64
CA HIS A 29 32.87 -1.93 5.81
C HIS A 29 33.37 -0.60 6.34
N GLY A 30 33.48 0.42 5.49
CA GLY A 30 33.89 1.74 5.93
C GLY A 30 32.95 2.33 6.96
N ARG A 31 33.50 2.86 8.05
CA ARG A 31 32.71 3.31 9.19
C ARG A 31 32.86 4.82 9.33
N THR A 32 31.72 5.52 9.33
CA THR A 32 31.68 6.95 9.58
C THR A 32 31.23 7.20 11.01
N LEU A 33 32.00 7.99 11.75
CA LEU A 33 31.66 8.35 13.12
C LEU A 33 31.89 9.84 13.30
N HIS A 34 30.81 10.58 13.56
CA HIS A 34 30.90 12.04 13.64
C HIS A 34 31.42 12.46 15.00
N ASP A 35 32.31 13.46 14.99
CA ASP A 35 32.95 13.91 16.21
C ASP A 35 31.93 14.50 17.17
N ASP A 36 32.25 14.45 18.47
CA ASP A 36 31.34 14.91 19.50
C ASP A 36 31.08 16.41 19.36
N ASP A 37 29.83 16.80 19.66
CA ASP A 37 29.38 18.19 19.65
C ASP A 37 29.53 18.85 18.28
N SER A 38 29.51 18.06 17.20
CA SER A 38 29.67 18.59 15.85
C SER A 38 28.33 18.71 15.15
N ILE A 39 28.22 19.71 14.28
CA ILE A 39 26.97 20.05 13.62
C ILE A 39 26.99 19.47 12.21
N GLN A 40 26.03 18.61 11.90
CA GLN A 40 25.96 17.93 10.62
C GLN A 40 24.61 18.16 9.96
N VAL A 41 24.60 17.99 8.64
CA VAL A 41 23.38 18.07 7.83
C VAL A 41 23.16 16.68 7.24
N ILE A 42 22.19 15.95 7.79
CA ILE A 42 21.96 14.56 7.44
C ILE A 42 20.51 14.43 6.97
N PRO A 43 20.25 13.77 5.85
CA PRO A 43 18.86 13.64 5.38
C PRO A 43 18.07 12.65 6.22
N VAL A 44 16.75 12.82 6.19
CA VAL A 44 15.82 12.03 6.98
C VAL A 44 15.00 11.17 6.03
N LEU A 45 14.84 9.90 6.36
CA LEU A 45 13.96 9.03 5.58
C LEU A 45 12.51 9.30 5.98
N PRO A 46 11.62 9.60 5.02
CA PRO A 46 10.30 10.12 5.39
C PRO A 46 9.41 9.14 6.12
N GLN A 47 9.37 7.88 5.68
CA GLN A 47 8.39 6.94 6.21
C GLN A 47 8.81 6.36 7.56
N VAL A 48 10.11 6.34 7.87
CA VAL A 48 10.57 5.73 9.11
C VAL A 48 10.00 6.52 10.28
N MET A 49 9.28 5.83 11.18
CA MET A 49 8.63 6.43 12.33
C MET A 49 8.89 5.54 13.54
N MET A 50 10.12 5.59 14.05
CA MET A 50 10.49 4.75 15.19
C MET A 50 11.58 5.46 15.99
N ILE A 51 11.83 4.93 17.19
CA ILE A 51 12.86 5.44 18.08
C ILE A 51 14.06 4.52 17.93
N LEU A 52 15.08 4.99 17.21
CA LEU A 52 16.27 4.20 16.95
C LEU A 52 17.29 4.37 18.06
N VAL A 53 17.94 3.28 18.42
CA VAL A 53 18.94 3.26 19.49
C VAL A 53 20.28 2.88 18.87
N PRO A 54 21.39 3.52 19.26
CA PRO A 54 22.69 3.15 18.70
C PRO A 54 23.01 1.67 18.84
N GLY A 55 23.26 1.01 17.71
CA GLY A 55 23.48 -0.43 17.68
C GLY A 55 22.27 -1.24 17.25
N GLN A 56 21.07 -0.67 17.36
CA GLN A 56 19.86 -1.35 16.91
C GLN A 56 19.86 -1.43 15.39
N THR A 57 19.58 -2.62 14.85
CA THR A 57 19.53 -2.83 13.42
C THR A 57 18.14 -2.51 12.88
N LEU A 58 18.10 -1.83 11.75
CA LEU A 58 16.85 -1.36 11.15
C LEU A 58 16.79 -1.78 9.69
N PRO A 59 15.86 -2.67 9.31
CA PRO A 59 15.71 -3.03 7.90
C PRO A 59 14.68 -2.15 7.20
N LEU A 60 14.90 -1.95 5.90
CA LEU A 60 14.08 -1.03 5.13
C LEU A 60 13.86 -1.56 3.73
N GLN A 61 12.68 -1.25 3.19
CA GLN A 61 12.33 -1.58 1.81
C GLN A 61 11.61 -0.37 1.22
N LEU A 62 12.28 0.35 0.31
CA LEU A 62 11.76 1.59 -0.24
C LEU A 62 11.33 1.40 -1.69
N PHE A 63 10.16 1.94 -2.02
CA PHE A 63 9.62 1.87 -3.36
C PHE A 63 9.42 3.22 -4.02
N HIS A 64 9.27 4.28 -3.24
CA HIS A 64 9.04 5.61 -3.81
C HIS A 64 10.30 6.08 -4.54
N PRO A 65 10.18 6.64 -5.76
CA PRO A 65 11.39 7.05 -6.49
C PRO A 65 12.25 8.04 -5.76
N GLN A 66 11.65 8.84 -4.86
CA GLN A 66 12.44 9.78 -4.08
C GLN A 66 13.30 9.07 -3.05
N GLU A 67 12.73 8.10 -2.33
CA GLU A 67 13.50 7.33 -1.36
C GLU A 67 14.60 6.53 -2.06
N VAL A 68 14.30 5.99 -3.24
CA VAL A 68 15.33 5.28 -4.00
C VAL A 68 16.44 6.22 -4.45
N SER A 69 16.07 7.42 -4.91
CA SER A 69 17.06 8.38 -5.34
C SER A 69 17.91 8.89 -4.19
N MET A 70 17.33 8.98 -2.99
CA MET A 70 18.09 9.48 -1.84
C MET A 70 19.10 8.44 -1.37
N VAL A 71 18.68 7.18 -1.24
CA VAL A 71 19.59 6.16 -0.73
C VAL A 71 20.60 5.73 -1.78
N ARG A 72 20.24 5.78 -3.07
CA ARG A 72 21.24 5.56 -4.11
C ARG A 72 22.33 6.61 -4.05
N ASN A 73 21.96 7.85 -3.75
CA ASN A 73 22.95 8.90 -3.55
C ASN A 73 23.74 8.65 -2.26
N LEU A 74 23.05 8.30 -1.18
CA LEU A 74 23.71 8.12 0.11
C LEU A 74 24.72 6.98 0.08
N ILE A 75 24.46 5.96 -0.75
CA ILE A 75 25.37 4.82 -0.81
C ILE A 75 26.74 5.25 -1.33
N GLN A 76 26.76 6.20 -2.28
CA GLN A 76 28.01 6.69 -2.82
C GLN A 76 28.75 7.62 -1.86
N ASN A 77 28.13 8.02 -0.76
CA ASN A 77 28.71 8.97 0.19
C ASN A 77 28.96 8.24 1.51
N ASP A 78 28.50 8.74 2.65
CA ASP A 78 28.78 8.12 3.94
C ASP A 78 27.67 7.18 4.39
N ARG A 79 26.63 6.97 3.56
CA ARG A 79 25.61 5.96 3.80
C ARG A 79 24.90 6.15 5.14
N THR A 80 24.74 7.39 5.58
CA THR A 80 24.17 7.70 6.88
C THR A 80 22.95 8.59 6.70
N PHE A 81 21.81 8.15 7.22
CA PHE A 81 20.60 8.96 7.26
C PHE A 81 20.17 9.14 8.72
N ALA A 82 19.22 10.06 8.92
CA ALA A 82 18.79 10.46 10.25
C ALA A 82 17.43 9.86 10.57
N VAL A 83 17.32 9.21 11.72
CA VAL A 83 16.07 8.63 12.19
C VAL A 83 15.64 9.44 13.41
N LEU A 84 14.64 10.30 13.22
CA LEU A 84 14.20 11.18 14.29
C LEU A 84 13.34 10.43 15.29
N ALA A 85 13.47 10.82 16.56
CA ALA A 85 12.62 10.29 17.63
C ALA A 85 11.46 11.26 17.83
N TYR A 86 10.43 11.08 17.01
CA TYR A 86 9.31 12.00 16.99
C TYR A 86 8.62 12.05 18.34
N SER A 87 8.55 13.26 18.93
CA SER A 87 7.77 13.43 20.15
C SER A 87 6.27 13.30 19.87
N ASN A 88 5.82 13.84 18.74
CA ASN A 88 4.48 13.60 18.22
C ASN A 88 4.60 13.11 16.78
N VAL A 89 3.99 11.96 16.49
CA VAL A 89 4.17 11.33 15.18
C VAL A 89 3.53 12.19 14.09
N GLN A 90 2.28 12.63 14.31
CA GLN A 90 1.57 13.38 13.28
C GLN A 90 2.10 14.80 13.15
N GLU A 91 2.61 15.38 14.22
CA GLU A 91 3.06 16.77 14.21
C GLU A 91 4.48 16.93 13.67
N ARG A 92 5.17 15.84 13.34
CA ARG A 92 6.55 15.88 12.86
C ARG A 92 7.45 16.61 13.85
N GLU A 93 7.10 16.56 15.14
CA GLU A 93 7.82 17.29 16.18
C GLU A 93 8.84 16.35 16.83
N ALA A 94 10.12 16.58 16.55
CA ALA A 94 11.19 15.79 17.13
C ALA A 94 12.34 16.72 17.48
N GLU A 95 12.89 16.55 18.68
CA GLU A 95 14.03 17.33 19.14
C GLU A 95 15.28 16.48 19.33
N PHE A 96 15.16 15.16 19.39
CA PHE A 96 16.30 14.25 19.45
C PHE A 96 16.21 13.26 18.29
N GLY A 97 17.10 12.29 18.30
CA GLY A 97 17.13 11.29 17.25
C GLY A 97 18.44 10.54 17.25
N THR A 98 18.53 9.56 16.35
CA THR A 98 19.71 8.73 16.21
C THR A 98 20.07 8.59 14.74
N THR A 99 21.37 8.58 14.45
CA THR A 99 21.85 8.36 13.11
C THR A 99 21.83 6.87 12.77
N ALA A 100 21.65 6.57 11.49
CA ALA A 100 21.58 5.20 11.01
C ALA A 100 22.54 5.03 9.85
N GLU A 101 23.40 4.02 9.92
CA GLU A 101 24.44 3.79 8.93
C GLU A 101 24.13 2.52 8.15
N ILE A 102 23.95 2.65 6.84
CA ILE A 102 23.67 1.50 5.99
C ILE A 102 24.90 0.61 5.92
N TYR A 103 24.72 -0.68 6.21
CA TYR A 103 25.79 -1.65 6.05
C TYR A 103 25.46 -2.73 5.03
N ALA A 104 24.26 -2.71 4.44
CA ALA A 104 23.88 -3.68 3.43
C ALA A 104 22.90 -3.03 2.47
N TYR A 105 22.97 -3.43 1.20
CA TYR A 105 22.27 -2.71 0.15
C TYR A 105 22.04 -3.64 -1.03
N ARG A 106 20.89 -3.49 -1.69
CA ARG A 106 20.56 -4.28 -2.87
C ARG A 106 19.61 -3.47 -3.74
N GLU A 107 19.81 -3.56 -5.05
CA GLU A 107 18.98 -2.86 -6.03
C GLU A 107 18.24 -3.91 -6.86
N GLU A 108 16.96 -4.09 -6.56
CA GLU A 108 16.09 -5.02 -7.27
C GLU A 108 15.09 -4.23 -8.10
N GLN A 109 14.85 -4.70 -9.32
CA GLN A 109 13.78 -4.14 -10.14
C GLN A 109 12.51 -4.94 -9.89
N ASP A 110 11.94 -5.52 -10.95
CA ASP A 110 10.74 -6.35 -10.86
C ASP A 110 9.54 -5.56 -10.36
N PHE A 111 8.35 -6.17 -10.45
CA PHE A 111 7.08 -5.53 -10.09
C PHE A 111 6.84 -4.21 -10.83
N GLY A 112 7.62 -3.93 -11.88
CA GLY A 112 7.53 -2.68 -12.60
C GLY A 112 8.18 -1.50 -11.91
N ILE A 113 8.58 -1.63 -10.66
CA ILE A 113 9.15 -0.53 -9.90
C ILE A 113 10.62 -0.83 -9.61
N GLU A 114 11.35 0.22 -9.22
CA GLU A 114 12.74 0.08 -8.80
C GLU A 114 12.78 0.16 -7.27
N ILE A 115 13.36 -0.87 -6.65
CA ILE A 115 13.32 -1.04 -5.21
C ILE A 115 14.76 -1.04 -4.68
N VAL A 116 14.91 -0.59 -3.44
CA VAL A 116 16.18 -0.63 -2.73
C VAL A 116 15.94 -1.21 -1.34
N LYS A 117 16.60 -2.31 -1.03
CA LYS A 117 16.55 -2.93 0.29
C LYS A 117 17.85 -2.65 1.03
N VAL A 118 17.74 -2.08 2.22
CA VAL A 118 18.92 -1.75 3.02
C VAL A 118 18.77 -2.32 4.42
N LYS A 119 19.91 -2.51 5.07
CA LYS A 119 19.98 -2.87 6.48
C LYS A 119 20.89 -1.86 7.16
N ALA A 120 20.31 -0.96 7.95
CA ALA A 120 21.07 0.05 8.66
C ALA A 120 21.23 -0.34 10.13
N ILE A 121 22.05 0.43 10.83
CA ILE A 121 22.31 0.20 12.25
C ILE A 121 22.52 1.54 12.93
N GLY A 122 21.93 1.70 14.11
CA GLY A 122 22.08 2.93 14.85
C GLY A 122 23.52 3.16 15.28
N ARG A 123 23.97 4.41 15.14
CA ARG A 123 25.35 4.77 15.47
C ARG A 123 25.41 5.79 16.59
N GLN A 124 24.95 7.03 16.37
CA GLN A 124 25.12 8.10 17.35
C GLN A 124 23.85 8.90 17.48
N ARG A 125 23.55 9.34 18.70
CA ARG A 125 22.41 10.19 18.95
C ARG A 125 22.72 11.64 18.57
N PHE A 126 21.65 12.43 18.42
CA PHE A 126 21.83 13.83 18.06
C PHE A 126 20.65 14.64 18.59
N LYS A 127 20.89 15.93 18.76
CA LYS A 127 19.84 16.90 19.09
C LYS A 127 19.53 17.72 17.84
N VAL A 128 18.26 17.77 17.47
CA VAL A 128 17.86 18.45 16.25
C VAL A 128 17.97 19.95 16.44
N LEU A 129 18.58 20.64 15.47
CA LEU A 129 18.63 22.09 15.44
C LEU A 129 17.59 22.65 14.47
N GLU A 130 17.69 22.27 13.20
CA GLU A 130 16.71 22.65 12.19
C GLU A 130 16.19 21.40 11.50
N LEU A 131 14.95 21.47 11.03
CA LEU A 131 14.31 20.36 10.31
C LEU A 131 13.62 20.98 9.09
N ARG A 132 14.32 21.00 7.97
CA ARG A 132 13.90 21.73 6.79
C ARG A 132 13.64 20.75 5.64
N THR A 133 12.54 20.97 4.92
CA THR A 133 12.08 20.06 3.89
C THR A 133 12.28 20.71 2.51
N GLN A 134 12.90 19.97 1.60
CA GLN A 134 13.16 20.47 0.25
C GLN A 134 11.85 20.53 -0.55
N SER A 135 11.94 21.05 -1.77
CA SER A 135 10.75 21.15 -2.61
C SER A 135 10.30 19.77 -3.08
N ASP A 136 11.25 18.88 -3.34
CA ASP A 136 10.88 17.53 -3.76
C ASP A 136 10.14 16.81 -2.64
N GLY A 137 10.65 16.89 -1.42
CA GLY A 137 10.01 16.25 -0.28
C GLY A 137 10.98 15.63 0.71
N ILE A 138 12.23 15.45 0.28
CA ILE A 138 13.25 14.87 1.15
C ILE A 138 13.52 15.81 2.32
N GLN A 139 13.42 15.28 3.53
CA GLN A 139 13.62 16.07 4.74
C GLN A 139 15.08 16.04 5.15
N GLN A 140 15.68 17.22 5.32
CA GLN A 140 17.07 17.35 5.73
C GLN A 140 17.12 17.87 7.15
N ALA A 141 18.04 17.31 7.94
CA ALA A 141 18.13 17.60 9.37
C ALA A 141 19.50 18.20 9.71
N LYS A 142 19.48 19.37 10.34
CA LYS A 142 20.67 19.98 10.90
C LYS A 142 20.77 19.52 12.36
N VAL A 143 21.73 18.65 12.64
CA VAL A 143 21.77 17.95 13.92
C VAL A 143 23.09 18.23 14.63
N GLN A 144 23.11 17.95 15.93
CA GLN A 144 24.28 18.11 16.77
C GLN A 144 24.58 16.77 17.45
N ILE A 145 25.74 16.20 17.12
CA ILE A 145 26.12 14.89 17.66
C ILE A 145 26.34 15.01 19.16
N LEU A 146 25.72 14.12 19.92
CA LEU A 146 25.80 14.10 21.38
C LEU A 146 27.01 13.27 21.83
N PRO A 147 27.55 13.56 23.01
CA PRO A 147 28.71 12.80 23.50
C PRO A 147 28.30 11.58 24.31
N GLU A 148 29.19 10.58 24.30
CA GLU A 148 28.90 9.26 24.87
C GLU A 148 29.69 9.08 26.16
N GLY A 149 29.03 9.33 27.29
CA GLY A 149 29.65 9.13 28.59
C GLY A 149 29.39 7.73 29.14
N SER A 150 30.39 7.21 29.87
CA SER A 150 30.36 5.84 30.38
C SER A 150 30.29 5.92 31.90
N GLY A 151 31.29 5.39 32.61
CA GLY A 151 31.34 5.48 34.05
C GLY A 151 31.71 4.16 34.71
N ASP A 152 31.97 4.24 36.01
CA ASP A 152 32.36 3.08 36.81
C ASP A 152 31.17 2.67 37.67
N ALA A 153 30.40 1.70 37.18
CA ALA A 153 29.30 1.12 37.96
C ALA A 153 28.90 -0.22 37.37
N GLU A 154 29.80 -1.21 37.45
CA GLU A 154 29.51 -2.54 36.93
C GLU A 154 28.49 -3.28 37.79
N THR A 155 28.36 -2.92 39.06
CA THR A 155 27.32 -3.50 39.89
C THR A 155 25.94 -3.27 39.29
N LEU A 156 25.73 -2.10 38.69
CA LEU A 156 24.47 -1.84 38.00
C LEU A 156 24.28 -2.81 36.83
N MET A 157 25.33 -3.03 36.03
CA MET A 157 25.24 -3.99 34.94
C MET A 157 25.02 -5.41 35.46
N ASP A 158 25.70 -5.78 36.55
CA ASP A 158 25.52 -7.10 37.12
C ASP A 158 24.16 -7.26 37.79
N ARG A 159 23.48 -6.16 38.09
CA ARG A 159 22.11 -6.23 38.59
C ARG A 159 21.10 -6.30 37.45
N ILE A 160 21.33 -5.57 36.36
CA ILE A 160 20.49 -5.73 35.18
C ILE A 160 20.60 -7.15 34.62
N LYS A 161 21.84 -7.67 34.54
CA LYS A 161 22.05 -9.01 34.02
C LYS A 161 21.39 -10.06 34.90
N LYS A 162 21.28 -9.79 36.21
CA LYS A 162 20.66 -10.75 37.12
C LYS A 162 19.16 -10.86 36.88
N GLN A 163 18.48 -9.72 36.80
CA GLN A 163 17.04 -9.75 36.54
C GLN A 163 16.74 -10.12 35.09
N LEU A 164 17.65 -9.82 34.17
CA LEU A 164 17.46 -10.21 32.78
C LEU A 164 17.47 -11.73 32.63
N ARG A 165 18.36 -12.42 33.35
CA ARG A 165 18.45 -13.87 33.21
C ARG A 165 17.30 -14.57 33.91
N GLU A 166 16.58 -13.90 34.80
CA GLU A 166 15.41 -14.51 35.42
C GLU A 166 14.27 -14.68 34.41
N TRP A 167 14.07 -13.68 33.55
CA TRP A 167 12.99 -13.74 32.58
C TRP A 167 13.34 -14.57 31.36
N ASP A 168 14.62 -14.83 31.11
CA ASP A 168 15.05 -15.65 29.98
C ASP A 168 16.50 -16.04 30.18
N GLU A 169 16.81 -17.29 29.88
CA GLU A 169 18.18 -17.80 30.04
C GLU A 169 18.94 -17.78 28.72
N ASP A 174 24.39 -15.76 28.78
CA ASP A 174 24.94 -14.41 28.71
C ASP A 174 25.06 -13.94 27.27
N SER A 175 26.30 -13.83 26.78
CA SER A 175 26.59 -13.32 25.44
C SER A 175 26.03 -11.91 25.24
N LEU A 176 25.94 -11.14 26.32
CA LEU A 176 25.49 -9.76 26.32
C LEU A 176 26.69 -8.82 26.22
N PRO A 177 26.48 -7.58 25.79
CA PRO A 177 27.61 -6.65 25.67
C PRO A 177 28.28 -6.39 27.01
N SER A 178 29.61 -6.32 26.99
CA SER A 178 30.38 -6.08 28.20
C SER A 178 30.71 -4.60 28.39
N ASN A 179 30.75 -3.83 27.31
CA ASN A 179 30.96 -2.39 27.37
C ASN A 179 29.81 -1.74 28.13
N PRO A 180 30.07 -0.99 29.20
CA PRO A 180 28.98 -0.27 29.88
C PRO A 180 28.16 0.61 28.96
N ILE A 181 28.79 1.22 27.96
CA ILE A 181 28.05 2.08 27.03
C ILE A 181 27.20 1.23 26.10
N ASP A 182 27.80 0.20 25.49
CA ASP A 182 27.06 -0.65 24.56
C ASP A 182 25.95 -1.41 25.28
N PHE A 183 26.21 -1.91 26.48
CA PHE A 183 25.18 -2.61 27.22
C PHE A 183 24.05 -1.68 27.66
N SER A 184 24.36 -0.39 27.85
CA SER A 184 23.33 0.56 28.23
C SER A 184 22.32 0.76 27.10
N TYR A 185 22.77 0.68 25.85
CA TYR A 185 21.87 0.84 24.73
C TYR A 185 21.19 -0.46 24.32
N TRP A 186 21.84 -1.61 24.57
CA TRP A 186 21.17 -2.88 24.38
C TRP A 186 19.92 -2.97 25.24
N VAL A 187 20.03 -2.55 26.50
CA VAL A 187 18.87 -2.58 27.39
C VAL A 187 17.81 -1.60 26.93
N ALA A 188 18.24 -0.44 26.41
CA ALA A 188 17.28 0.58 25.98
C ALA A 188 16.49 0.13 24.76
N ALA A 189 17.05 -0.77 23.94
CA ALA A 189 16.41 -1.21 22.72
C ALA A 189 15.64 -2.52 22.88
N ASN A 190 15.87 -3.27 23.97
CA ASN A 190 15.26 -4.57 24.14
C ASN A 190 14.29 -4.63 25.31
N LEU A 191 14.12 -3.54 26.06
CA LEU A 191 13.16 -3.61 27.15
C LEU A 191 11.75 -3.32 26.66
N PRO A 192 10.74 -4.01 27.18
CA PRO A 192 9.34 -3.74 26.75
C PRO A 192 8.79 -2.45 27.36
N ILE A 193 9.44 -1.34 27.04
CA ILE A 193 9.02 -0.04 27.50
C ILE A 193 8.36 0.70 26.34
N ASP A 194 7.56 1.71 26.67
CA ASP A 194 6.88 2.50 25.66
C ASP A 194 7.81 3.58 25.11
N ASP A 195 7.29 4.36 24.17
CA ASP A 195 8.11 5.35 23.48
C ASP A 195 8.56 6.46 24.43
N SER A 196 7.66 6.97 25.26
CA SER A 196 8.00 8.06 26.17
C SER A 196 9.18 7.68 27.06
N LEU A 197 9.18 6.44 27.56
CA LEU A 197 10.31 5.98 28.37
C LEU A 197 11.55 5.77 27.51
N ARG A 198 11.37 5.34 26.26
CA ARG A 198 12.50 5.17 25.36
C ARG A 198 13.22 6.50 25.12
N ILE A 199 12.46 7.59 25.04
CA ILE A 199 13.07 8.90 24.82
C ILE A 199 13.87 9.34 26.06
N GLN A 200 13.31 9.11 27.25
CA GLN A 200 14.01 9.48 28.48
C GLN A 200 15.37 8.80 28.55
N LEU A 201 15.46 7.55 28.09
CA LEU A 201 16.74 6.85 28.09
C LEU A 201 17.70 7.47 27.08
N LEU A 202 17.18 7.91 25.92
CA LEU A 202 18.04 8.50 24.91
C LEU A 202 18.52 9.89 25.31
N LYS A 203 17.67 10.67 25.99
CA LYS A 203 18.07 11.99 26.45
C LYS A 203 19.15 11.92 27.52
N ILE A 204 19.30 10.77 28.18
CA ILE A 204 20.32 10.62 29.21
C ILE A 204 21.70 10.56 28.56
N ASP A 205 22.65 11.28 29.15
CA ASP A 205 23.97 11.43 28.55
C ASP A 205 24.96 10.38 29.07
N SER A 206 25.00 10.16 30.38
CA SER A 206 25.94 9.23 30.97
C SER A 206 25.34 7.83 31.04
N ALA A 207 26.17 6.83 30.73
CA ALA A 207 25.70 5.44 30.80
C ALA A 207 25.30 5.07 32.22
N ILE A 208 25.97 5.63 33.23
CA ILE A 208 25.62 5.34 34.61
C ILE A 208 24.18 5.76 34.90
N GLN A 209 23.78 6.94 34.40
CA GLN A 209 22.39 7.37 34.53
C GLN A 209 21.47 6.43 33.78
N ARG A 210 21.83 6.06 32.55
CA ARG A 210 21.03 5.12 31.78
C ARG A 210 20.89 3.80 32.51
N LEU A 211 22.02 3.20 32.91
CA LEU A 211 21.97 1.91 33.60
C LEU A 211 21.24 2.02 34.92
N ARG A 212 21.50 3.08 35.69
CA ARG A 212 20.77 3.27 36.95
C ARG A 212 19.29 3.50 36.70
N CYS A 213 18.95 4.30 35.69
CA CYS A 213 17.55 4.46 35.33
C CYS A 213 16.97 3.13 34.85
N GLU A 214 17.64 2.49 33.89
CA GLU A 214 17.13 1.24 33.33
C GLU A 214 16.82 0.21 34.40
N LEU A 215 17.60 0.18 35.48
CA LEU A 215 17.24 -0.65 36.62
C LEU A 215 15.91 -0.22 37.21
N ASP A 216 15.63 1.09 37.22
CA ASP A 216 14.43 1.58 37.88
C ASP A 216 13.16 1.14 37.16
N ILE A 217 13.18 1.04 35.83
CA ILE A 217 11.94 0.72 35.11
C ILE A 217 11.67 -0.79 35.14
N MET A 218 12.69 -1.62 34.90
CA MET A 218 12.43 -3.05 34.81
C MET A 218 11.93 -3.65 36.12
N ASN A 219 12.04 -2.92 37.22
CA ASN A 219 11.38 -3.31 38.46
C ASN A 219 9.94 -2.82 38.53
N LYS A 220 9.60 -1.77 37.77
CA LYS A 220 8.26 -1.23 37.73
C LYS A 220 7.47 -1.69 36.51
N CYS A 221 8.03 -2.61 35.72
CA CYS A 221 7.35 -3.16 34.56
C CYS A 221 6.76 -4.51 34.92
N THR A 222 5.45 -4.67 34.70
CA THR A 222 4.75 -5.89 35.06
C THR A 222 4.41 -6.72 33.83
N SER A 223 3.38 -6.30 33.09
CA SER A 223 2.91 -7.05 31.94
C SER A 223 2.49 -6.08 30.85
N LEU A 224 2.23 -6.63 29.66
CA LEU A 224 1.86 -5.85 28.49
C LEU A 224 0.41 -6.15 28.12
N CYS A 225 -0.34 -5.10 27.80
CA CYS A 225 -1.75 -5.21 27.48
C CYS A 225 -2.03 -4.56 26.13
N CYS A 226 -3.16 -4.91 25.56
CA CYS A 226 -3.56 -4.36 24.26
C CYS A 226 -3.79 -2.86 24.38
N LYS A 227 -3.30 -2.11 23.39
CA LYS A 227 -3.37 -0.65 23.46
C LYS A 227 -4.80 -0.15 23.40
N GLN A 228 -5.56 -0.58 22.39
CA GLN A 228 -6.95 -0.17 22.24
C GLN A 228 -7.85 -0.68 23.37
N CYS A 229 -7.38 -1.63 24.17
CA CYS A 229 -8.22 -2.32 25.15
C CYS A 229 -7.89 -1.99 26.59
N GLN A 230 -6.68 -1.48 26.87
CA GLN A 230 -6.25 -1.05 28.21
C GLN A 230 -6.04 -2.21 29.18
N GLU A 231 -7.04 -3.06 29.37
CA GLU A 231 -7.03 -4.06 30.44
C GLU A 231 -7.05 -5.49 29.93
N THR A 232 -6.46 -5.74 28.77
CA THR A 232 -6.39 -7.09 28.19
C THR A 232 -4.94 -7.58 28.27
N GLU A 233 -4.64 -8.31 29.34
CA GLU A 233 -3.30 -8.86 29.55
C GLU A 233 -2.92 -9.82 28.42
N ILE A 234 -1.98 -9.40 27.58
CA ILE A 234 -1.56 -10.23 26.44
C ILE A 234 -0.40 -11.13 26.82
N THR A 235 0.60 -10.60 27.52
CA THR A 235 1.74 -11.40 27.95
C THR A 235 2.36 -10.75 29.19
N THR A 236 3.18 -11.52 29.88
CA THR A 236 3.84 -11.08 31.10
C THR A 236 5.34 -10.93 30.87
N LYS A 237 6.00 -10.23 31.80
CA LYS A 237 7.42 -9.96 31.67
C LYS A 237 8.28 -11.20 31.85
N ASN A 238 7.70 -12.37 32.11
CA ASN A 238 8.47 -13.59 32.30
C ASN A 238 8.41 -14.54 31.11
N GLU A 239 7.63 -14.20 30.08
CA GLU A 239 7.53 -15.03 28.88
C GLU A 239 8.49 -14.61 27.79
N ILE A 240 9.36 -13.63 28.05
CA ILE A 240 10.27 -13.11 27.03
C ILE A 240 11.21 -14.21 26.58
N PHE A 241 11.24 -14.45 25.27
CA PHE A 241 12.12 -15.43 24.65
C PHE A 241 13.03 -14.71 23.67
N SER A 242 14.33 -15.04 23.70
CA SER A 242 15.31 -14.43 22.80
C SER A 242 15.63 -15.44 21.70
N LEU A 243 15.04 -15.22 20.53
CA LEU A 243 15.29 -16.07 19.37
C LEU A 243 16.30 -15.47 18.40
N SER A 244 16.80 -14.27 18.69
CA SER A 244 17.70 -13.55 17.78
C SER A 244 18.89 -13.01 18.56
N ARG A 245 19.99 -12.77 17.84
CA ARG A 245 21.16 -12.17 18.45
C ARG A 245 20.90 -10.73 18.88
N GLU A 246 20.03 -10.02 18.15
CA GLU A 246 19.62 -8.68 18.57
C GLU A 246 18.96 -8.70 19.94
N GLY A 247 18.39 -9.84 20.34
CA GLY A 247 17.73 -9.96 21.61
C GLY A 247 16.26 -10.26 21.44
N PRO A 248 15.48 -10.04 22.51
CA PRO A 248 14.03 -10.30 22.41
C PRO A 248 13.28 -9.24 21.62
N MET A 249 13.92 -8.12 21.28
CA MET A 249 13.27 -7.03 20.56
C MET A 249 14.07 -6.74 19.31
N ALA A 250 13.42 -6.82 18.15
CA ALA A 250 14.08 -6.57 16.89
C ALA A 250 13.07 -6.00 15.90
N ALA A 251 13.60 -5.37 14.85
CA ALA A 251 12.78 -4.75 13.83
C ALA A 251 12.85 -5.58 12.55
N TYR A 252 11.69 -5.77 11.92
CA TYR A 252 11.59 -6.48 10.65
C TYR A 252 10.63 -5.74 9.75
N VAL A 253 10.86 -5.86 8.44
CA VAL A 253 10.08 -5.15 7.43
C VAL A 253 9.23 -6.16 6.66
N ASN A 254 7.98 -5.79 6.40
CA ASN A 254 7.05 -6.63 5.65
C ASN A 254 7.21 -6.40 4.16
N PRO A 255 6.52 -7.19 3.32
CA PRO A 255 6.63 -6.95 1.87
C PRO A 255 6.25 -5.55 1.44
N HIS A 256 5.33 -4.89 2.16
CA HIS A 256 4.90 -3.55 1.80
C HIS A 256 5.91 -2.47 2.17
N GLY A 257 6.89 -2.79 3.02
CA GLY A 257 7.86 -1.81 3.46
C GLY A 257 7.66 -1.29 4.87
N TYR A 258 6.66 -1.80 5.58
CA TYR A 258 6.38 -1.35 6.95
C TYR A 258 7.34 -2.02 7.92
N VAL A 259 7.96 -1.23 8.79
CA VAL A 259 8.87 -1.74 9.80
C VAL A 259 8.09 -2.03 11.08
N HIS A 260 8.27 -3.23 11.62
CA HIS A 260 7.59 -3.67 12.83
C HIS A 260 8.63 -3.98 13.89
N GLU A 261 8.53 -3.31 15.04
CA GLU A 261 9.39 -3.63 16.19
C GLU A 261 8.64 -4.64 17.04
N ILE A 262 9.04 -5.90 16.94
CA ILE A 262 8.32 -6.99 17.57
C ILE A 262 9.09 -7.50 18.77
N LEU A 263 8.37 -8.14 19.68
CA LEU A 263 8.93 -8.76 20.87
C LEU A 263 8.59 -10.25 20.85
N THR A 264 9.60 -11.10 21.07
CA THR A 264 9.41 -12.54 21.00
C THR A 264 9.09 -13.08 22.40
N VAL A 265 7.87 -13.58 22.56
CA VAL A 265 7.43 -14.19 23.81
C VAL A 265 7.02 -15.64 23.51
N TYR A 266 6.98 -16.44 24.58
CA TYR A 266 6.65 -17.86 24.45
C TYR A 266 5.16 -18.15 24.62
N LYS A 267 4.50 -17.45 25.55
CA LYS A 267 3.09 -17.66 25.81
C LYS A 267 2.35 -16.32 25.77
N ALA A 268 1.20 -16.32 25.11
CA ALA A 268 0.35 -15.13 25.01
C ALA A 268 -1.10 -15.54 25.22
N CYS A 269 -1.89 -14.60 25.76
CA CYS A 269 -3.28 -14.84 26.05
C CYS A 269 -4.16 -13.81 25.35
N ASN A 270 -5.45 -14.15 25.25
CA ASN A 270 -6.47 -13.28 24.65
C ASN A 270 -6.09 -12.90 23.20
N LEU A 271 -5.66 -13.90 22.44
CA LEU A 271 -5.26 -13.70 21.06
C LEU A 271 -6.00 -14.66 20.14
N ASN A 272 -6.49 -14.13 19.02
CA ASN A 272 -7.18 -14.91 18.01
C ASN A 272 -6.33 -14.98 16.75
N LEU A 273 -6.08 -16.18 16.26
CA LEU A 273 -5.34 -16.36 15.02
C LEU A 273 -6.29 -16.25 13.83
N ILE A 274 -5.78 -15.68 12.74
CA ILE A 274 -6.57 -15.39 11.56
C ILE A 274 -6.02 -16.22 10.41
N GLY A 275 -6.72 -17.28 10.05
CA GLY A 275 -6.34 -18.09 8.92
C GLY A 275 -5.41 -19.22 9.29
N ARG A 276 -4.77 -19.76 8.26
CA ARG A 276 -3.81 -20.84 8.37
C ARG A 276 -2.39 -20.31 8.36
N PRO A 277 -1.42 -21.07 8.90
CA PRO A 277 -0.03 -20.61 8.90
C PRO A 277 0.50 -20.43 7.48
N SER A 278 1.46 -19.51 7.35
CA SER A 278 2.12 -19.22 6.09
C SER A 278 3.61 -19.06 6.34
N THR A 279 4.41 -19.40 5.32
CA THR A 279 5.86 -19.27 5.39
C THR A 279 6.40 -18.18 4.46
N GLU A 280 5.52 -17.48 3.75
CA GLU A 280 5.97 -16.46 2.81
C GLU A 280 6.56 -15.27 3.55
N HIS A 281 7.75 -14.84 3.11
CA HIS A 281 8.42 -13.66 3.66
C HIS A 281 8.67 -13.77 5.15
N SER A 282 8.79 -15.01 5.65
CA SER A 282 8.88 -15.24 7.09
C SER A 282 10.15 -14.64 7.66
N TRP A 283 10.01 -13.92 8.78
CA TRP A 283 11.15 -13.27 9.42
C TRP A 283 12.02 -14.26 10.19
N PHE A 284 11.50 -15.43 10.53
CA PHE A 284 12.24 -16.46 11.24
C PHE A 284 12.30 -17.70 10.36
N PRO A 285 13.37 -17.89 9.59
CA PRO A 285 13.41 -19.01 8.63
C PRO A 285 13.25 -20.35 9.34
N GLY A 286 12.39 -21.20 8.79
CA GLY A 286 12.02 -22.45 9.39
C GLY A 286 10.68 -22.47 10.08
N TYR A 287 10.13 -21.29 10.39
CA TYR A 287 8.85 -21.16 11.06
C TYR A 287 7.81 -20.58 10.11
N ALA A 288 6.54 -20.74 10.49
CA ALA A 288 5.42 -20.18 9.74
C ALA A 288 4.67 -19.18 10.63
N TRP A 289 4.10 -18.16 9.99
CA TRP A 289 3.44 -17.07 10.70
C TRP A 289 1.93 -17.15 10.56
N THR A 290 1.24 -16.52 11.51
CA THR A 290 -0.21 -16.40 11.50
C THR A 290 -0.59 -15.14 12.24
N VAL A 291 -1.47 -14.34 11.64
CA VAL A 291 -1.84 -13.05 12.22
C VAL A 291 -2.61 -13.27 13.52
N ALA A 292 -2.06 -12.74 14.61
CA ALA A 292 -2.70 -12.81 15.92
C ALA A 292 -3.43 -11.48 16.19
N GLN A 293 -4.69 -11.59 16.62
CA GLN A 293 -5.53 -10.43 16.86
C GLN A 293 -6.06 -10.45 18.28
N CYS A 294 -6.36 -9.27 18.81
CA CYS A 294 -6.99 -9.18 20.11
C CYS A 294 -8.35 -9.85 20.09
N LYS A 295 -8.71 -10.48 21.20
CA LYS A 295 -9.98 -11.20 21.25
C LYS A 295 -11.17 -10.26 21.38
N ILE A 296 -11.01 -9.16 22.11
CA ILE A 296 -12.13 -8.27 22.41
C ILE A 296 -12.27 -7.19 21.34
N CYS A 297 -11.20 -6.44 21.12
CA CYS A 297 -11.24 -5.31 20.19
C CYS A 297 -10.78 -5.65 18.78
N ALA A 298 -10.22 -6.84 18.57
CA ALA A 298 -9.83 -7.35 17.25
C ALA A 298 -8.75 -6.51 16.58
N SER A 299 -8.00 -5.72 17.36
CA SER A 299 -6.88 -4.97 16.79
C SER A 299 -5.66 -5.87 16.67
N HIS A 300 -4.92 -5.71 15.57
CA HIS A 300 -3.75 -6.55 15.33
C HIS A 300 -2.71 -6.35 16.40
N ILE A 301 -2.28 -7.44 17.01
CA ILE A 301 -1.28 -7.43 18.07
C ILE A 301 0.07 -7.93 17.56
N GLY A 302 0.08 -8.98 16.75
CA GLY A 302 1.31 -9.52 16.22
C GLY A 302 1.12 -10.74 15.36
N TRP A 303 2.02 -11.72 15.51
CA TRP A 303 1.96 -12.96 14.75
C TRP A 303 2.35 -14.12 15.65
N LYS A 304 1.66 -15.24 15.47
CA LYS A 304 2.05 -16.50 16.11
C LYS A 304 2.94 -17.28 15.14
N PHE A 305 4.14 -17.63 15.59
CA PHE A 305 5.08 -18.40 14.78
C PHE A 305 5.05 -19.84 15.25
N THR A 306 4.79 -20.76 14.33
CA THR A 306 4.80 -22.20 14.60
C THR A 306 5.87 -22.86 13.76
N ALA A 307 6.54 -23.84 14.34
CA ALA A 307 7.61 -24.55 13.64
C ALA A 307 7.05 -25.43 12.54
N THR A 308 7.83 -25.60 11.47
CA THR A 308 7.47 -26.48 10.37
C THR A 308 8.16 -27.83 10.44
N LYS A 309 8.97 -28.07 11.47
CA LYS A 309 9.65 -29.34 11.66
C LYS A 309 9.51 -29.77 13.11
N LYS A 310 9.42 -31.08 13.32
CA LYS A 310 9.42 -31.62 14.67
C LYS A 310 10.81 -31.69 15.28
N ASP A 311 11.85 -31.51 14.47
CA ASP A 311 13.22 -31.57 14.96
C ASP A 311 13.66 -30.27 15.64
N MET A 312 12.99 -29.17 15.36
CA MET A 312 13.39 -27.87 15.89
C MET A 312 12.61 -27.52 17.15
N SER A 313 13.12 -26.52 17.87
CA SER A 313 12.55 -26.06 19.13
C SER A 313 12.87 -24.59 19.29
N PRO A 314 11.96 -23.79 19.86
CA PRO A 314 10.63 -24.20 20.33
C PRO A 314 9.65 -24.44 19.19
N GLN A 315 8.55 -25.13 19.49
CA GLN A 315 7.56 -25.42 18.45
C GLN A 315 6.68 -24.22 18.15
N LYS A 316 6.46 -23.33 19.12
CA LYS A 316 5.60 -22.18 18.93
C LYS A 316 6.09 -21.03 19.79
N PHE A 317 5.95 -19.81 19.25
CA PHE A 317 6.19 -18.59 20.01
C PHE A 317 5.42 -17.47 19.33
N TRP A 318 5.41 -16.30 19.98
CA TRP A 318 4.68 -15.15 19.49
C TRP A 318 5.62 -13.97 19.26
N GLY A 319 5.32 -13.18 18.23
CA GLY A 319 6.02 -11.95 17.98
C GLY A 319 5.05 -10.79 17.92
N LEU A 320 4.97 -9.99 18.98
CA LEU A 320 4.02 -8.90 19.10
C LEU A 320 4.72 -7.56 18.95
N THR A 321 4.05 -6.61 18.30
CA THR A 321 4.64 -5.31 18.04
C THR A 321 4.43 -4.37 19.22
N ARG A 322 5.38 -3.44 19.40
CA ARG A 322 5.29 -2.48 20.48
C ARG A 322 4.14 -1.50 20.28
N SER A 323 3.77 -1.22 19.02
CA SER A 323 2.76 -0.20 18.74
C SER A 323 1.37 -0.63 19.20
N ALA A 324 1.12 -1.93 19.36
CA ALA A 324 -0.18 -2.41 19.78
C ALA A 324 -0.25 -2.72 21.27
N LEU A 325 0.87 -2.68 21.99
CA LEU A 325 0.92 -3.05 23.40
C LEU A 325 1.36 -1.86 24.24
N ILE A 326 0.90 -1.85 25.49
CA ILE A 326 1.35 -0.89 26.49
C ILE A 326 1.64 -1.64 27.78
N PRO A 327 2.69 -1.28 28.51
CA PRO A 327 2.87 -1.83 29.86
C PRO A 327 1.73 -1.41 30.78
N THR A 328 1.49 -2.21 31.80
CA THR A 328 0.44 -1.91 32.77
C THR A 328 0.97 -1.99 34.20
N ASN B 6 -3.48 -6.65 -36.09
CA ASN B 6 -4.63 -6.22 -36.87
C ASN B 6 -5.67 -7.34 -36.99
N ILE B 7 -5.24 -8.56 -36.68
CA ILE B 7 -6.13 -9.71 -36.63
C ILE B 7 -6.22 -10.19 -35.19
N ILE B 8 -7.37 -10.74 -34.82
CA ILE B 8 -7.66 -11.11 -33.44
C ILE B 8 -7.95 -12.59 -33.38
N ASN B 9 -7.00 -13.36 -32.86
CA ASN B 9 -7.19 -14.76 -32.49
C ASN B 9 -7.27 -14.89 -30.96
N PHE B 10 -7.92 -13.92 -30.32
CA PHE B 10 -8.01 -13.81 -28.88
C PHE B 10 -9.46 -13.85 -28.45
N ASP B 11 -9.70 -14.41 -27.27
CA ASP B 11 -11.04 -14.49 -26.70
C ASP B 11 -11.46 -13.10 -26.21
N THR B 12 -12.25 -12.40 -27.01
CA THR B 12 -12.68 -11.05 -26.66
C THR B 12 -13.56 -11.00 -25.42
N SER B 13 -14.02 -12.14 -24.92
CA SER B 13 -14.85 -12.22 -23.73
C SER B 13 -14.06 -12.45 -22.45
N LEU B 14 -12.74 -12.67 -22.54
CA LEU B 14 -11.90 -12.99 -21.40
C LEU B 14 -11.68 -11.80 -20.46
N PRO B 15 -11.36 -10.60 -20.97
CA PRO B 15 -11.15 -9.48 -20.03
C PRO B 15 -12.39 -9.10 -19.24
N THR B 16 -13.58 -9.28 -19.81
CA THR B 16 -14.80 -8.87 -19.12
C THR B 16 -15.12 -9.75 -17.92
N SER B 17 -14.51 -10.92 -17.82
CA SER B 17 -14.74 -11.82 -16.69
C SER B 17 -13.82 -11.52 -15.51
N HIS B 18 -12.76 -10.74 -15.72
CA HIS B 18 -11.77 -10.44 -14.69
C HIS B 18 -11.30 -11.72 -13.99
N THR B 19 -10.66 -12.58 -14.78
CA THR B 19 -10.20 -13.87 -14.28
C THR B 19 -9.21 -13.68 -13.13
N TYR B 20 -8.32 -12.68 -13.25
CA TYR B 20 -7.32 -12.43 -12.21
C TYR B 20 -7.94 -12.26 -10.83
N LEU B 21 -9.19 -11.79 -10.78
CA LEU B 21 -9.84 -11.56 -9.49
C LEU B 21 -10.15 -12.88 -8.79
N GLY B 22 -10.59 -13.87 -9.54
CA GLY B 22 -10.99 -15.15 -8.98
C GLY B 22 -12.08 -15.77 -9.82
N ALA B 23 -12.13 -17.11 -9.80
CA ALA B 23 -13.08 -17.84 -10.63
C ALA B 23 -14.42 -18.00 -9.93
N ASP B 24 -14.43 -18.62 -8.75
CA ASP B 24 -15.66 -18.75 -7.98
C ASP B 24 -16.04 -17.38 -7.45
N MET B 25 -16.89 -16.68 -8.20
CA MET B 25 -17.47 -15.41 -7.76
C MET B 25 -18.96 -15.63 -7.61
N GLU B 26 -19.44 -15.58 -6.36
CA GLU B 26 -20.85 -15.74 -6.07
C GLU B 26 -21.67 -14.70 -6.81
N GLU B 27 -22.49 -15.16 -7.74
CA GLU B 27 -23.22 -14.26 -8.63
C GLU B 27 -24.59 -13.93 -8.07
N PHE B 28 -25.08 -12.75 -8.44
CA PHE B 28 -26.40 -12.28 -8.05
C PHE B 28 -27.16 -11.84 -9.29
N HIS B 29 -28.48 -12.00 -9.25
CA HIS B 29 -29.32 -11.75 -10.40
C HIS B 29 -30.41 -10.72 -10.16
N GLY B 30 -30.87 -10.56 -8.92
CA GLY B 30 -31.88 -9.56 -8.61
C GLY B 30 -31.45 -8.15 -8.96
N ARG B 31 -32.25 -7.44 -9.73
CA ARG B 31 -31.89 -6.14 -10.27
C ARG B 31 -32.64 -5.04 -9.51
N THR B 32 -31.89 -4.16 -8.87
CA THR B 32 -32.46 -3.01 -8.18
C THR B 32 -32.49 -1.81 -9.11
N LEU B 33 -33.65 -1.19 -9.24
CA LEU B 33 -33.82 -0.02 -10.10
C LEU B 33 -34.67 1.00 -9.36
N HIS B 34 -34.07 2.11 -8.95
CA HIS B 34 -34.79 3.15 -8.24
C HIS B 34 -35.63 3.97 -9.21
N ASP B 35 -36.84 4.33 -8.78
CA ASP B 35 -37.76 5.08 -9.61
C ASP B 35 -37.21 6.47 -9.91
N ASP B 36 -37.71 7.05 -11.00
CA ASP B 36 -37.25 8.37 -11.42
C ASP B 36 -37.57 9.42 -10.36
N ASP B 37 -36.67 10.39 -10.21
CA ASP B 37 -36.82 11.52 -9.30
C ASP B 37 -37.01 11.10 -7.85
N SER B 38 -36.62 9.88 -7.50
CA SER B 38 -36.72 9.42 -6.12
C SER B 38 -35.45 9.78 -5.35
N ILE B 39 -35.61 10.00 -4.05
CA ILE B 39 -34.52 10.41 -3.17
C ILE B 39 -34.07 9.20 -2.37
N GLN B 40 -32.82 8.80 -2.54
CA GLN B 40 -32.29 7.60 -1.91
C GLN B 40 -31.06 7.92 -1.08
N VAL B 41 -30.81 7.07 -0.08
CA VAL B 41 -29.65 7.17 0.79
C VAL B 41 -28.77 5.96 0.47
N ILE B 42 -27.69 6.20 -0.27
CA ILE B 42 -26.80 5.13 -0.72
C ILE B 42 -25.41 5.38 -0.15
N PRO B 43 -24.72 4.35 0.35
CA PRO B 43 -23.35 4.55 0.84
C PRO B 43 -22.37 4.76 -0.30
N VAL B 44 -21.28 5.45 0.02
CA VAL B 44 -20.22 5.77 -0.93
C VAL B 44 -18.97 4.99 -0.55
N LEU B 45 -18.36 4.32 -1.52
CA LEU B 45 -17.09 3.63 -1.28
C LEU B 45 -15.97 4.66 -1.15
N PRO B 46 -15.24 4.68 -0.03
CA PRO B 46 -14.36 5.84 0.24
C PRO B 46 -13.17 5.95 -0.70
N GLN B 47 -12.67 4.85 -1.25
CA GLN B 47 -11.46 4.91 -2.06
C GLN B 47 -11.74 5.14 -3.54
N VAL B 48 -12.92 4.77 -4.02
CA VAL B 48 -13.22 4.91 -5.45
C VAL B 48 -13.15 6.38 -5.84
N MET B 49 -12.45 6.65 -6.95
CA MET B 49 -12.25 8.02 -7.43
C MET B 49 -12.37 8.04 -8.95
N MET B 50 -13.51 7.55 -9.46
CA MET B 50 -13.73 7.46 -10.89
C MET B 50 -15.09 8.04 -11.26
N ILE B 51 -15.23 8.40 -12.53
CA ILE B 51 -16.48 8.91 -13.08
C ILE B 51 -17.19 7.73 -13.73
N LEU B 52 -18.11 7.12 -13.00
CA LEU B 52 -18.79 5.91 -13.47
C LEU B 52 -19.95 6.26 -14.40
N VAL B 53 -20.11 5.44 -15.43
CA VAL B 53 -21.12 5.66 -16.46
C VAL B 53 -22.14 4.51 -16.37
N PRO B 54 -23.43 4.78 -16.55
CA PRO B 54 -24.42 3.69 -16.52
C PRO B 54 -24.08 2.60 -17.53
N GLY B 55 -24.00 1.37 -17.04
CA GLY B 55 -23.60 0.24 -17.85
C GLY B 55 -22.13 -0.09 -17.82
N GLN B 56 -21.31 0.78 -17.23
CA GLN B 56 -19.88 0.56 -17.13
C GLN B 56 -19.56 -0.37 -15.96
N THR B 57 -18.54 -1.21 -16.16
CA THR B 57 -18.15 -2.20 -15.15
C THR B 57 -16.99 -1.67 -14.32
N LEU B 58 -17.02 -1.98 -13.01
CA LEU B 58 -16.00 -1.51 -12.09
C LEU B 58 -15.59 -2.64 -11.15
N PRO B 59 -14.40 -3.22 -11.33
CA PRO B 59 -13.91 -4.22 -10.38
C PRO B 59 -13.23 -3.56 -9.19
N LEU B 60 -13.34 -4.21 -8.04
CA LEU B 60 -12.84 -3.64 -6.80
C LEU B 60 -12.24 -4.74 -5.92
N GLN B 61 -11.19 -4.37 -5.19
CA GLN B 61 -10.56 -5.23 -4.20
C GLN B 61 -10.37 -4.40 -2.94
N LEU B 62 -11.10 -4.74 -1.88
CA LEU B 62 -11.13 -3.96 -0.66
C LEU B 62 -10.43 -4.71 0.47
N PHE B 63 -9.57 -4.01 1.19
CA PHE B 63 -8.80 -4.56 2.29
C PHE B 63 -9.11 -3.92 3.63
N HIS B 64 -9.58 -2.67 3.65
CA HIS B 64 -9.88 -1.99 4.90
C HIS B 64 -11.07 -2.66 5.58
N PRO B 65 -11.00 -2.93 6.89
CA PRO B 65 -12.11 -3.65 7.55
C PRO B 65 -13.45 -2.95 7.43
N GLN B 66 -13.47 -1.63 7.23
CA GLN B 66 -14.73 -0.93 7.05
C GLN B 66 -15.34 -1.23 5.69
N GLU B 67 -14.52 -1.24 4.64
CA GLU B 67 -15.01 -1.58 3.30
C GLU B 67 -15.42 -3.03 3.23
N VAL B 68 -14.74 -3.92 3.96
CA VAL B 68 -15.17 -5.31 4.03
C VAL B 68 -16.46 -5.44 4.83
N SER B 69 -16.65 -4.59 5.84
CA SER B 69 -17.86 -4.63 6.64
C SER B 69 -19.05 -4.03 5.90
N MET B 70 -18.83 -2.90 5.22
CA MET B 70 -19.94 -2.26 4.52
C MET B 70 -20.46 -3.13 3.39
N VAL B 71 -19.56 -3.67 2.57
CA VAL B 71 -19.96 -4.48 1.43
C VAL B 71 -20.60 -5.79 1.90
N ARG B 72 -20.12 -6.35 3.00
CA ARG B 72 -20.77 -7.53 3.58
C ARG B 72 -22.20 -7.20 3.99
N ASN B 73 -22.41 -6.05 4.62
CA ASN B 73 -23.77 -5.61 4.92
C ASN B 73 -24.50 -5.15 3.66
N LEU B 74 -23.75 -4.59 2.69
CA LEU B 74 -24.36 -4.12 1.45
C LEU B 74 -24.83 -5.29 0.59
N ILE B 75 -24.17 -6.44 0.70
CA ILE B 75 -24.54 -7.59 -0.13
C ILE B 75 -25.82 -8.27 0.35
N GLN B 76 -26.25 -8.01 1.57
CA GLN B 76 -27.48 -8.57 2.09
C GLN B 76 -28.72 -7.76 1.72
N ASN B 77 -28.55 -6.63 1.04
CA ASN B 77 -29.66 -5.75 0.71
C ASN B 77 -29.77 -5.53 -0.79
N ASP B 78 -29.90 -4.26 -1.20
CA ASP B 78 -30.11 -3.94 -2.61
C ASP B 78 -28.82 -3.97 -3.43
N ARG B 79 -27.67 -4.23 -2.79
CA ARG B 79 -26.40 -4.46 -3.50
C ARG B 79 -26.03 -3.28 -4.39
N THR B 80 -26.15 -2.07 -3.85
CA THR B 80 -25.90 -0.85 -4.61
C THR B 80 -25.17 0.16 -3.76
N PHE B 81 -24.05 0.68 -4.28
CA PHE B 81 -23.32 1.76 -3.64
C PHE B 81 -23.19 2.93 -4.61
N ALA B 82 -22.86 4.09 -4.07
CA ALA B 82 -22.78 5.33 -4.84
C ALA B 82 -21.35 5.61 -5.26
N VAL B 83 -21.17 5.96 -6.53
CA VAL B 83 -19.87 6.31 -7.08
C VAL B 83 -19.94 7.78 -7.47
N LEU B 84 -19.42 8.65 -6.61
CA LEU B 84 -19.54 10.09 -6.83
C LEU B 84 -18.61 10.54 -7.96
N ALA B 85 -19.14 11.41 -8.82
CA ALA B 85 -18.38 12.01 -9.91
C ALA B 85 -17.71 13.27 -9.37
N TYR B 86 -16.60 13.07 -8.66
CA TYR B 86 -15.92 14.17 -7.98
C TYR B 86 -15.46 15.23 -8.98
N SER B 87 -15.92 16.46 -8.78
CA SER B 87 -15.41 17.58 -9.56
C SER B 87 -14.01 17.98 -9.11
N ASN B 88 -13.78 18.02 -7.80
CA ASN B 88 -12.45 18.17 -7.22
C ASN B 88 -12.02 16.83 -6.64
N VAL B 89 -10.80 16.40 -6.98
CA VAL B 89 -10.37 15.05 -6.61
C VAL B 89 -10.11 14.96 -5.11
N GLN B 90 -9.50 15.99 -4.52
CA GLN B 90 -9.05 15.90 -3.14
C GLN B 90 -10.06 16.43 -2.13
N GLU B 91 -10.86 17.43 -2.50
CA GLU B 91 -11.75 18.09 -1.56
C GLU B 91 -13.09 17.37 -1.37
N ARG B 92 -13.22 16.15 -1.90
CA ARG B 92 -14.46 15.36 -1.78
C ARG B 92 -15.66 16.12 -2.33
N GLU B 93 -15.42 17.05 -3.25
CA GLU B 93 -16.49 17.87 -3.82
C GLU B 93 -17.11 17.17 -5.00
N ALA B 94 -18.41 16.86 -4.90
CA ALA B 94 -19.11 16.17 -5.97
C ALA B 94 -20.56 16.65 -6.00
N GLU B 95 -21.08 16.85 -7.20
CA GLU B 95 -22.47 17.22 -7.41
C GLU B 95 -23.30 16.11 -8.06
N PHE B 96 -22.66 15.21 -8.80
CA PHE B 96 -23.36 14.14 -9.50
C PHE B 96 -22.73 12.79 -9.19
N GLY B 97 -23.07 11.78 -9.97
CA GLY B 97 -22.55 10.45 -9.76
C GLY B 97 -23.45 9.41 -10.39
N THR B 98 -23.07 8.15 -10.17
CA THR B 98 -23.79 7.02 -10.73
C THR B 98 -23.84 5.90 -9.70
N THR B 99 -25.00 5.27 -9.59
CA THR B 99 -25.14 4.10 -8.73
C THR B 99 -24.46 2.89 -9.38
N ALA B 100 -23.84 2.06 -8.56
CA ALA B 100 -23.15 0.86 -9.02
C ALA B 100 -23.74 -0.35 -8.33
N GLU B 101 -24.20 -1.31 -9.12
CA GLU B 101 -24.81 -2.52 -8.59
C GLU B 101 -23.82 -3.67 -8.61
N ILE B 102 -23.65 -4.33 -7.47
CA ILE B 102 -22.71 -5.43 -7.32
C ILE B 102 -23.32 -6.69 -7.91
N TYR B 103 -22.74 -7.21 -8.99
CA TYR B 103 -23.21 -8.43 -9.62
C TYR B 103 -22.29 -9.62 -9.38
N ALA B 104 -21.19 -9.45 -8.65
CA ALA B 104 -20.29 -10.54 -8.34
C ALA B 104 -19.68 -10.30 -6.97
N TYR B 105 -19.40 -11.40 -6.27
CA TYR B 105 -18.95 -11.31 -4.88
C TYR B 105 -18.06 -12.51 -4.56
N ARG B 106 -17.09 -12.29 -3.68
CA ARG B 106 -16.19 -13.35 -3.24
C ARG B 106 -15.52 -12.93 -1.95
N GLU B 107 -15.45 -13.86 -0.99
CA GLU B 107 -14.76 -13.65 0.27
C GLU B 107 -13.52 -14.52 0.33
N GLU B 108 -12.40 -13.93 0.77
CA GLU B 108 -11.16 -14.66 0.92
C GLU B 108 -10.50 -14.28 2.23
N GLN B 109 -9.74 -15.21 2.79
CA GLN B 109 -9.08 -15.03 4.07
C GLN B 109 -7.59 -15.36 3.94
N ASP B 110 -6.94 -14.74 2.98
CA ASP B 110 -5.51 -14.90 2.76
C ASP B 110 -4.76 -13.69 3.31
N PHE B 111 -3.44 -13.85 3.44
CA PHE B 111 -2.55 -12.81 3.94
C PHE B 111 -2.95 -12.30 5.32
N GLY B 112 -3.69 -13.11 6.07
CA GLY B 112 -4.11 -12.71 7.41
C GLY B 112 -5.12 -11.58 7.45
N ILE B 113 -5.80 -11.29 6.35
CA ILE B 113 -6.76 -10.21 6.28
C ILE B 113 -7.98 -10.67 5.48
N GLU B 114 -9.16 -10.28 5.95
CA GLU B 114 -10.39 -10.58 5.22
C GLU B 114 -10.40 -9.84 3.88
N ILE B 115 -10.74 -10.55 2.81
CA ILE B 115 -10.71 -10.03 1.46
C ILE B 115 -12.10 -10.09 0.86
N VAL B 116 -12.49 -9.02 0.18
CA VAL B 116 -13.75 -8.98 -0.57
C VAL B 116 -13.45 -8.40 -1.93
N LYS B 117 -13.62 -9.22 -2.97
CA LYS B 117 -13.48 -8.80 -4.36
C LYS B 117 -14.87 -8.81 -4.99
N VAL B 118 -15.25 -7.69 -5.59
CA VAL B 118 -16.57 -7.55 -6.20
C VAL B 118 -16.43 -7.02 -7.61
N LYS B 119 -17.49 -7.22 -8.39
CA LYS B 119 -17.62 -6.65 -9.73
C LYS B 119 -18.95 -5.92 -9.79
N ALA B 120 -18.89 -4.60 -9.98
CA ALA B 120 -20.08 -3.76 -10.02
C ALA B 120 -20.33 -3.27 -11.44
N ILE B 121 -21.54 -2.77 -11.66
CA ILE B 121 -21.92 -2.20 -12.96
C ILE B 121 -22.75 -0.96 -12.73
N GLY B 122 -22.48 0.08 -13.50
CA GLY B 122 -23.19 1.34 -13.33
C GLY B 122 -24.63 1.22 -13.79
N ARG B 123 -25.54 1.77 -12.99
CA ARG B 123 -26.97 1.65 -13.25
C ARG B 123 -27.58 2.98 -13.66
N GLN B 124 -27.75 3.92 -12.72
CA GLN B 124 -28.45 5.16 -12.99
C GLN B 124 -27.68 6.35 -12.42
N ARG B 125 -27.79 7.48 -13.11
CA ARG B 125 -27.20 8.72 -12.63
C ARG B 125 -28.04 9.32 -11.52
N PHE B 126 -27.41 10.19 -10.73
CA PHE B 126 -28.12 10.86 -9.64
C PHE B 126 -27.52 12.24 -9.41
N LYS B 127 -28.24 13.03 -8.62
CA LYS B 127 -27.80 14.35 -8.18
C LYS B 127 -27.57 14.31 -6.68
N VAL B 128 -26.42 14.79 -6.23
CA VAL B 128 -26.10 14.80 -4.82
C VAL B 128 -26.82 15.96 -4.15
N LEU B 129 -27.40 15.71 -2.97
CA LEU B 129 -28.05 16.72 -2.17
C LEU B 129 -27.34 16.93 -0.83
N GLU B 130 -27.07 15.84 -0.11
CA GLU B 130 -26.31 15.88 1.12
C GLU B 130 -25.21 14.83 1.05
N LEU B 131 -24.15 15.06 1.84
CA LEU B 131 -22.99 14.16 1.84
C LEU B 131 -22.45 14.13 3.26
N ARG B 132 -23.02 13.25 4.08
CA ARG B 132 -22.64 13.12 5.48
C ARG B 132 -21.63 11.98 5.65
N THR B 133 -20.66 12.21 6.53
CA THR B 133 -19.67 11.19 6.88
C THR B 133 -19.92 10.73 8.30
N GLN B 134 -20.07 9.41 8.48
CA GLN B 134 -20.40 8.84 9.77
C GLN B 134 -19.16 8.82 10.66
N SER B 135 -19.37 8.39 11.92
CA SER B 135 -18.29 8.42 12.90
C SER B 135 -17.17 7.46 12.52
N ASP B 136 -17.52 6.21 12.20
CA ASP B 136 -16.50 5.25 11.81
C ASP B 136 -15.77 5.67 10.54
N GLY B 137 -16.49 6.26 9.59
CA GLY B 137 -15.83 6.77 8.41
C GLY B 137 -16.57 6.66 7.09
N ILE B 138 -17.47 5.69 6.96
CA ILE B 138 -18.15 5.51 5.67
C ILE B 138 -19.02 6.72 5.37
N GLN B 139 -19.08 7.10 4.10
CA GLN B 139 -19.77 8.30 3.64
C GLN B 139 -21.11 7.90 3.06
N GLN B 140 -22.19 8.49 3.58
CA GLN B 140 -23.53 8.24 3.09
C GLN B 140 -23.97 9.41 2.21
N ALA B 141 -24.65 9.11 1.11
CA ALA B 141 -25.06 10.10 0.13
C ALA B 141 -26.57 10.12 0.00
N LYS B 142 -27.15 11.31 0.08
CA LYS B 142 -28.57 11.55 -0.19
C LYS B 142 -28.67 12.01 -1.64
N VAL B 143 -29.18 11.15 -2.51
CA VAL B 143 -29.12 11.36 -3.94
C VAL B 143 -30.52 11.37 -4.53
N GLN B 144 -30.66 12.05 -5.67
CA GLN B 144 -31.91 12.13 -6.42
C GLN B 144 -31.70 11.48 -7.77
N ILE B 145 -32.44 10.40 -8.03
CA ILE B 145 -32.29 9.67 -9.29
C ILE B 145 -32.73 10.55 -10.45
N LEU B 146 -31.88 10.66 -11.46
CA LEU B 146 -32.17 11.46 -12.65
C LEU B 146 -32.87 10.61 -13.70
N PRO B 147 -33.89 11.16 -14.36
CA PRO B 147 -34.60 10.39 -15.39
C PRO B 147 -33.74 10.22 -16.64
N GLU B 148 -34.07 9.17 -17.40
CA GLU B 148 -33.32 8.78 -18.59
C GLU B 148 -34.15 9.12 -19.83
N GLY B 149 -33.79 10.21 -20.51
CA GLY B 149 -34.48 10.63 -21.70
C GLY B 149 -33.79 10.17 -22.98
N SER B 150 -34.53 10.28 -24.09
CA SER B 150 -34.00 9.82 -25.37
C SER B 150 -34.75 10.55 -26.49
N GLY B 151 -34.94 9.88 -27.62
CA GLY B 151 -35.64 10.42 -28.76
C GLY B 151 -35.53 9.56 -30.00
N ASP B 152 -35.30 10.16 -31.17
CA ASP B 152 -35.23 9.40 -32.41
C ASP B 152 -33.83 9.29 -33.00
N ALA B 153 -33.02 10.34 -32.90
CA ALA B 153 -31.74 10.49 -33.60
C ALA B 153 -30.98 9.17 -33.75
N GLU B 154 -31.33 8.40 -34.78
CA GLU B 154 -30.60 7.20 -35.14
C GLU B 154 -29.58 7.46 -36.25
N THR B 155 -29.75 8.55 -36.99
CA THR B 155 -28.70 9.00 -37.90
C THR B 155 -27.44 9.37 -37.12
N LEU B 156 -27.61 10.16 -36.06
CA LEU B 156 -26.49 10.46 -35.17
C LEU B 156 -25.81 9.19 -34.68
N MET B 157 -26.61 8.21 -34.25
CA MET B 157 -26.07 6.90 -33.91
C MET B 157 -25.28 6.30 -35.06
N ASP B 158 -25.82 6.40 -36.28
CA ASP B 158 -25.13 5.83 -37.44
C ASP B 158 -23.91 6.65 -37.84
N ARG B 159 -23.94 7.97 -37.63
CA ARG B 159 -22.75 8.78 -37.90
C ARG B 159 -21.67 8.55 -36.84
N ILE B 160 -22.06 8.16 -35.63
CA ILE B 160 -21.07 7.77 -34.63
C ILE B 160 -20.39 6.47 -35.05
N LYS B 161 -21.19 5.46 -35.43
CA LYS B 161 -20.64 4.16 -35.79
C LYS B 161 -19.73 4.25 -37.01
N LYS B 162 -20.03 5.14 -37.96
CA LYS B 162 -19.21 5.28 -39.14
C LYS B 162 -17.80 5.74 -38.78
N GLN B 163 -17.70 6.82 -38.02
CA GLN B 163 -16.39 7.30 -37.59
C GLN B 163 -15.72 6.33 -36.61
N LEU B 164 -16.52 5.66 -35.78
CA LEU B 164 -15.97 4.67 -34.86
C LEU B 164 -15.33 3.50 -35.61
N ARG B 165 -15.89 3.14 -36.77
CA ARG B 165 -15.33 2.06 -37.57
C ARG B 165 -14.03 2.47 -38.24
N GLU B 166 -13.90 3.74 -38.63
CA GLU B 166 -12.68 4.22 -39.24
C GLU B 166 -11.48 4.17 -38.30
N TRP B 167 -11.73 4.11 -36.98
CA TRP B 167 -10.68 3.97 -36.00
C TRP B 167 -10.40 2.53 -35.59
N ASP B 168 -11.35 1.62 -35.81
CA ASP B 168 -11.18 0.23 -35.44
C ASP B 168 -12.22 -0.61 -36.18
N GLU B 169 -11.79 -1.73 -36.74
CA GLU B 169 -12.70 -2.62 -37.48
C GLU B 169 -13.44 -3.56 -36.55
N ASP B 174 -18.93 -3.74 -35.80
CA ASP B 174 -20.23 -3.35 -35.25
C ASP B 174 -20.50 -4.07 -33.93
N SER B 175 -21.68 -4.68 -33.83
CA SER B 175 -22.12 -5.37 -32.61
C SER B 175 -22.06 -4.44 -31.40
N LEU B 176 -22.60 -3.24 -31.58
CA LEU B 176 -22.67 -2.22 -30.55
C LEU B 176 -24.06 -2.17 -29.95
N PRO B 177 -24.24 -1.48 -28.83
CA PRO B 177 -25.60 -1.33 -28.27
C PRO B 177 -26.55 -0.67 -29.26
N SER B 178 -27.71 -1.30 -29.45
CA SER B 178 -28.72 -0.79 -30.37
C SER B 178 -29.66 0.23 -29.74
N ASN B 179 -29.79 0.21 -28.42
CA ASN B 179 -30.63 1.19 -27.74
C ASN B 179 -29.96 2.57 -27.82
N PRO B 180 -30.69 3.62 -28.21
CA PRO B 180 -30.09 4.96 -28.20
C PRO B 180 -29.64 5.41 -26.82
N ILE B 181 -30.33 4.98 -25.76
CA ILE B 181 -29.90 5.32 -24.41
C ILE B 181 -28.63 4.56 -24.05
N ASP B 182 -28.63 3.23 -24.28
CA ASP B 182 -27.47 2.42 -23.94
C ASP B 182 -26.26 2.79 -24.80
N PHE B 183 -26.47 3.00 -26.10
CA PHE B 183 -25.36 3.36 -26.97
C PHE B 183 -24.78 4.72 -26.61
N SER B 184 -25.61 5.64 -26.13
CA SER B 184 -25.11 6.95 -25.72
C SER B 184 -24.16 6.81 -24.55
N TYR B 185 -24.45 5.92 -23.60
CA TYR B 185 -23.57 5.73 -22.46
C TYR B 185 -22.37 4.87 -22.79
N TRP B 186 -22.46 4.01 -23.81
CA TRP B 186 -21.28 3.29 -24.27
C TRP B 186 -20.24 4.26 -24.81
N VAL B 187 -20.66 5.23 -25.61
CA VAL B 187 -19.73 6.19 -26.21
C VAL B 187 -19.08 7.05 -25.12
N ALA B 188 -19.86 7.46 -24.12
CA ALA B 188 -19.31 8.22 -23.00
C ALA B 188 -18.34 7.41 -22.16
N ALA B 189 -18.44 6.09 -22.18
CA ALA B 189 -17.58 5.25 -21.36
C ALA B 189 -16.32 4.80 -22.08
N ASN B 190 -16.23 5.00 -23.40
CA ASN B 190 -15.12 4.48 -24.18
C ASN B 190 -14.41 5.55 -25.01
N LEU B 191 -14.81 6.82 -24.91
CA LEU B 191 -14.10 7.84 -25.67
C LEU B 191 -12.90 8.36 -24.88
N PRO B 192 -11.75 8.54 -25.53
CA PRO B 192 -10.57 9.04 -24.82
C PRO B 192 -10.68 10.52 -24.49
N ILE B 193 -11.66 10.89 -23.68
CA ILE B 193 -11.89 12.27 -23.29
C ILE B 193 -11.60 12.42 -21.80
N ASP B 194 -11.16 13.61 -21.41
CA ASP B 194 -10.81 13.85 -20.02
C ASP B 194 -12.07 13.86 -19.14
N ASP B 195 -11.87 14.12 -17.85
CA ASP B 195 -12.97 14.01 -16.90
C ASP B 195 -13.95 15.17 -17.03
N SER B 196 -13.47 16.37 -17.37
CA SER B 196 -14.38 17.51 -17.48
C SER B 196 -15.40 17.32 -18.59
N LEU B 197 -15.04 16.57 -19.63
CA LEU B 197 -15.98 16.22 -20.70
C LEU B 197 -16.81 15.00 -20.35
N ARG B 198 -16.26 14.07 -19.58
CA ARG B 198 -17.05 12.93 -19.11
C ARG B 198 -18.18 13.38 -18.20
N ILE B 199 -17.92 14.38 -17.37
CA ILE B 199 -18.97 14.91 -16.49
C ILE B 199 -20.03 15.62 -17.31
N GLN B 200 -19.61 16.40 -18.31
CA GLN B 200 -20.57 17.11 -19.15
C GLN B 200 -21.53 16.14 -19.83
N LEU B 201 -21.05 14.97 -20.25
CA LEU B 201 -21.91 13.98 -20.87
C LEU B 201 -22.90 13.41 -19.86
N LEU B 202 -22.48 13.24 -18.61
CA LEU B 202 -23.37 12.71 -17.59
C LEU B 202 -24.45 13.70 -17.21
N LYS B 203 -24.12 14.99 -17.24
CA LYS B 203 -25.09 16.02 -16.86
C LYS B 203 -26.21 16.15 -17.89
N ILE B 204 -25.97 15.74 -19.14
CA ILE B 204 -27.00 15.81 -20.16
C ILE B 204 -28.09 14.79 -19.88
N ASP B 205 -29.34 15.22 -19.95
CA ASP B 205 -30.47 14.37 -19.58
C ASP B 205 -31.00 13.54 -20.75
N SER B 206 -31.08 14.12 -21.94
CA SER B 206 -31.60 13.44 -23.11
C SER B 206 -30.48 12.71 -23.84
N ALA B 207 -30.78 11.49 -24.30
CA ALA B 207 -29.79 10.75 -25.09
C ALA B 207 -29.50 11.45 -26.40
N ILE B 208 -30.47 12.17 -26.96
CA ILE B 208 -30.25 12.89 -28.21
C ILE B 208 -29.23 14.00 -28.02
N GLN B 209 -29.36 14.76 -26.94
CA GLN B 209 -28.38 15.80 -26.65
C GLN B 209 -27.02 15.23 -26.28
N ARG B 210 -26.98 13.99 -25.77
CA ARG B 210 -25.70 13.35 -25.47
C ARG B 210 -25.02 12.86 -26.74
N LEU B 211 -25.77 12.18 -27.61
CA LEU B 211 -25.21 11.72 -28.86
C LEU B 211 -24.82 12.88 -29.76
N ARG B 212 -25.58 13.99 -29.71
CA ARG B 212 -25.20 15.18 -30.46
C ARG B 212 -23.89 15.75 -29.92
N CYS B 213 -23.73 15.80 -28.60
CA CYS B 213 -22.49 16.27 -28.02
C CYS B 213 -21.36 15.27 -28.20
N GLU B 214 -21.68 13.98 -28.24
CA GLU B 214 -20.65 12.96 -28.41
C GLU B 214 -20.11 12.97 -29.82
N LEU B 215 -20.98 13.19 -30.82
CA LEU B 215 -20.48 13.37 -32.18
C LEU B 215 -19.66 14.65 -32.30
N ASP B 216 -19.95 15.64 -31.46
CA ASP B 216 -19.25 16.91 -31.54
C ASP B 216 -17.80 16.79 -31.09
N ILE B 217 -17.52 15.93 -30.10
CA ILE B 217 -16.19 15.91 -29.49
C ILE B 217 -15.22 15.06 -30.31
N MET B 218 -15.63 13.87 -30.74
CA MET B 218 -14.72 13.00 -31.48
C MET B 218 -14.25 13.63 -32.79
N ASN B 219 -14.87 14.72 -33.22
CA ASN B 219 -14.41 15.49 -34.36
C ASN B 219 -13.44 16.59 -33.96
N LYS B 220 -13.14 16.75 -32.66
CA LYS B 220 -12.26 17.79 -32.18
C LYS B 220 -11.03 17.31 -31.44
N CYS B 221 -11.07 16.12 -30.86
CA CYS B 221 -9.90 15.58 -30.15
C CYS B 221 -8.97 14.90 -31.16
N THR B 222 -7.68 15.18 -31.03
CA THR B 222 -6.69 14.73 -32.01
C THR B 222 -5.97 13.48 -31.53
N SER B 223 -5.08 13.64 -30.55
CA SER B 223 -4.28 12.53 -30.04
C SER B 223 -4.06 12.74 -28.54
N LEU B 224 -3.62 11.68 -27.88
CA LEU B 224 -3.39 11.70 -26.45
C LEU B 224 -1.91 11.87 -26.17
N CYS B 225 -1.60 12.62 -25.11
CA CYS B 225 -0.22 12.92 -24.73
C CYS B 225 -0.03 12.68 -23.24
N CYS B 226 1.22 12.81 -22.80
CA CYS B 226 1.52 12.63 -21.38
C CYS B 226 1.01 13.83 -20.58
N LYS B 227 0.34 13.54 -19.46
CA LYS B 227 -0.23 14.61 -18.65
C LYS B 227 0.86 15.52 -18.07
N GLN B 228 1.90 14.91 -17.49
CA GLN B 228 3.00 15.69 -16.95
C GLN B 228 3.75 16.44 -18.04
N CYS B 229 3.94 15.80 -19.19
CA CYS B 229 4.76 16.34 -20.26
C CYS B 229 4.02 17.28 -21.19
N GLN B 230 2.69 17.15 -21.28
CA GLN B 230 1.84 17.99 -22.13
C GLN B 230 2.10 17.73 -23.62
N GLU B 231 3.32 17.96 -24.08
CA GLU B 231 3.59 17.95 -25.52
C GLU B 231 4.02 16.59 -26.06
N THR B 232 4.41 15.65 -25.19
CA THR B 232 4.94 14.36 -25.62
C THR B 232 3.80 13.49 -26.14
N GLU B 233 3.68 13.38 -27.46
CA GLU B 233 2.66 12.54 -28.07
C GLU B 233 2.93 11.07 -27.74
N ILE B 234 1.87 10.33 -27.43
CA ILE B 234 1.95 8.92 -27.04
C ILE B 234 1.23 8.03 -28.04
N THR B 235 -0.02 8.37 -28.37
CA THR B 235 -0.77 7.60 -29.35
C THR B 235 -1.84 8.51 -29.95
N THR B 236 -2.36 8.09 -31.11
CA THR B 236 -3.37 8.85 -31.83
C THR B 236 -4.70 8.11 -31.80
N LYS B 237 -5.75 8.80 -32.25
CA LYS B 237 -7.10 8.26 -32.20
C LYS B 237 -7.33 7.12 -33.19
N ASN B 238 -6.41 6.88 -34.11
CA ASN B 238 -6.57 5.79 -35.07
C ASN B 238 -5.88 4.51 -34.63
N GLU B 239 -5.12 4.54 -33.53
CA GLU B 239 -4.46 3.35 -33.03
C GLU B 239 -5.32 2.55 -32.06
N ILE B 240 -6.51 3.05 -31.72
CA ILE B 240 -7.36 2.36 -30.75
C ILE B 240 -7.95 1.11 -31.38
N PHE B 241 -7.93 0.01 -30.62
CA PHE B 241 -8.60 -1.21 -31.04
C PHE B 241 -8.97 -2.01 -29.81
N SER B 242 -10.12 -2.67 -29.85
CA SER B 242 -10.69 -3.30 -28.67
C SER B 242 -10.22 -4.75 -28.53
N LEU B 243 -9.92 -5.13 -27.30
CA LEU B 243 -9.68 -6.53 -26.95
C LEU B 243 -10.74 -7.13 -26.04
N SER B 244 -11.57 -6.30 -25.41
CA SER B 244 -12.66 -6.76 -24.57
C SER B 244 -13.99 -6.34 -25.17
N ARG B 245 -15.06 -7.04 -24.78
CA ARG B 245 -16.40 -6.69 -25.25
C ARG B 245 -16.93 -5.43 -24.59
N GLU B 246 -16.39 -5.05 -23.42
CA GLU B 246 -16.71 -3.76 -22.82
C GLU B 246 -16.31 -2.61 -23.73
N GLY B 247 -15.39 -2.84 -24.66
CA GLY B 247 -14.94 -1.81 -25.57
C GLY B 247 -13.47 -1.53 -25.43
N PRO B 248 -12.97 -0.52 -26.15
CA PRO B 248 -11.55 -0.16 -26.03
C PRO B 248 -11.18 0.43 -24.68
N MET B 249 -12.15 0.81 -23.87
CA MET B 249 -11.92 1.36 -22.55
C MET B 249 -12.54 0.44 -21.50
N ALA B 250 -11.77 0.11 -20.47
CA ALA B 250 -12.26 -0.77 -19.41
C ALA B 250 -11.45 -0.51 -18.15
N ALA B 251 -12.03 -0.91 -17.03
CA ALA B 251 -11.43 -0.72 -15.72
C ALA B 251 -10.98 -2.05 -15.15
N TYR B 252 -9.79 -2.06 -14.56
CA TYR B 252 -9.23 -3.24 -13.93
C TYR B 252 -8.53 -2.84 -12.64
N VAL B 253 -8.44 -3.77 -11.71
CA VAL B 253 -7.80 -3.56 -10.41
C VAL B 253 -6.45 -4.27 -10.39
N ASN B 254 -5.47 -3.67 -9.74
CA ASN B 254 -4.18 -4.31 -9.49
C ASN B 254 -4.22 -5.03 -8.14
N PRO B 255 -3.23 -5.88 -7.85
CA PRO B 255 -3.25 -6.62 -6.57
C PRO B 255 -3.41 -5.75 -5.34
N HIS B 256 -3.07 -4.46 -5.46
CA HIS B 256 -3.21 -3.54 -4.34
C HIS B 256 -4.64 -3.02 -4.19
N GLY B 257 -5.46 -3.10 -5.24
CA GLY B 257 -6.82 -2.60 -5.19
C GLY B 257 -7.03 -1.31 -5.96
N TYR B 258 -5.97 -0.69 -6.46
CA TYR B 258 -6.10 0.54 -7.24
C TYR B 258 -6.79 0.23 -8.57
N VAL B 259 -7.79 1.03 -8.91
CA VAL B 259 -8.54 0.85 -10.16
C VAL B 259 -7.87 1.67 -11.25
N HIS B 260 -7.57 1.01 -12.37
CA HIS B 260 -7.00 1.66 -13.54
C HIS B 260 -7.97 1.51 -14.71
N GLU B 261 -8.37 2.62 -15.31
CA GLU B 261 -9.17 2.62 -16.53
C GLU B 261 -8.22 2.81 -17.70
N ILE B 262 -7.98 1.75 -18.44
CA ILE B 262 -6.95 1.73 -19.47
C ILE B 262 -7.60 1.76 -20.86
N LEU B 263 -6.85 2.30 -21.82
CA LEU B 263 -7.24 2.33 -23.21
C LEU B 263 -6.36 1.38 -24.00
N THR B 264 -6.97 0.55 -24.85
CA THR B 264 -6.27 -0.46 -25.62
C THR B 264 -5.97 0.09 -27.01
N VAL B 265 -4.69 0.31 -27.30
CA VAL B 265 -4.24 0.74 -28.62
C VAL B 265 -3.19 -0.24 -29.12
N TYR B 266 -2.95 -0.21 -30.43
CA TYR B 266 -1.97 -1.11 -31.05
C TYR B 266 -0.57 -0.53 -31.10
N LYS B 267 -0.45 0.79 -31.24
CA LYS B 267 0.85 1.43 -31.33
C LYS B 267 0.94 2.57 -30.33
N ALA B 268 2.14 2.76 -29.79
CA ALA B 268 2.41 3.83 -28.83
C ALA B 268 3.87 4.23 -28.95
N CYS B 269 4.12 5.53 -28.88
CA CYS B 269 5.45 6.09 -29.06
C CYS B 269 5.90 6.80 -27.79
N ASN B 270 7.20 7.12 -27.75
CA ASN B 270 7.80 7.87 -26.65
C ASN B 270 7.62 7.18 -25.30
N LEU B 271 7.63 5.85 -25.28
CA LEU B 271 7.41 5.08 -24.07
C LEU B 271 8.59 4.17 -23.80
N ASN B 272 8.99 4.09 -22.54
CA ASN B 272 10.09 3.24 -22.09
C ASN B 272 9.53 2.11 -21.22
N LEU B 273 9.94 0.88 -21.52
CA LEU B 273 9.50 -0.29 -20.78
C LEU B 273 10.40 -0.52 -19.57
N ILE B 274 9.87 -1.17 -18.55
CA ILE B 274 10.59 -1.39 -17.30
C ILE B 274 10.66 -2.89 -17.05
N GLY B 275 11.87 -3.44 -17.07
CA GLY B 275 12.08 -4.83 -16.73
C GLY B 275 11.63 -5.78 -17.84
N ARG B 276 11.45 -7.05 -17.44
CA ARG B 276 11.02 -8.14 -18.30
C ARG B 276 9.53 -8.41 -18.12
N PRO B 277 8.86 -8.85 -19.19
CA PRO B 277 7.41 -9.08 -19.11
C PRO B 277 7.05 -10.08 -18.01
N SER B 278 5.83 -9.94 -17.50
CA SER B 278 5.32 -10.81 -16.44
C SER B 278 3.84 -11.09 -16.69
N THR B 279 3.36 -12.21 -16.15
CA THR B 279 1.99 -12.64 -16.33
C THR B 279 1.16 -12.63 -15.06
N GLU B 280 1.76 -12.35 -13.91
CA GLU B 280 1.04 -12.39 -12.64
C GLU B 280 -0.07 -11.35 -12.64
N HIS B 281 -1.28 -11.78 -12.27
CA HIS B 281 -2.43 -10.88 -12.14
C HIS B 281 -2.77 -10.19 -13.45
N SER B 282 -2.42 -10.82 -14.58
CA SER B 282 -2.57 -10.18 -15.88
C SER B 282 -4.05 -9.95 -16.19
N TRP B 283 -4.38 -8.71 -16.57
CA TRP B 283 -5.76 -8.37 -16.90
C TRP B 283 -6.21 -9.01 -18.21
N PHE B 284 -5.27 -9.45 -19.05
CA PHE B 284 -5.58 -10.08 -20.33
C PHE B 284 -4.97 -11.47 -20.33
N PRO B 285 -5.75 -12.51 -20.08
CA PRO B 285 -5.18 -13.87 -20.01
C PRO B 285 -4.52 -14.26 -21.32
N GLY B 286 -3.32 -14.82 -21.22
CA GLY B 286 -2.51 -15.17 -22.35
C GLY B 286 -1.46 -14.13 -22.71
N TYR B 287 -1.61 -12.90 -22.22
CA TYR B 287 -0.68 -11.81 -22.49
C TYR B 287 0.11 -11.45 -21.24
N ALA B 288 1.35 -11.03 -21.44
CA ALA B 288 2.23 -10.60 -20.36
C ALA B 288 2.37 -9.08 -20.38
N TRP B 289 2.45 -8.48 -19.20
CA TRP B 289 2.50 -7.03 -19.07
C TRP B 289 3.92 -6.56 -18.79
N THR B 290 4.17 -5.30 -19.15
CA THR B 290 5.43 -4.64 -18.82
C THR B 290 5.15 -3.16 -18.60
N VAL B 291 5.59 -2.63 -17.46
CA VAL B 291 5.30 -1.26 -17.10
C VAL B 291 5.97 -0.30 -18.08
N ALA B 292 5.18 0.59 -18.66
CA ALA B 292 5.65 1.57 -19.62
C ALA B 292 5.69 2.95 -18.96
N GLN B 293 6.79 3.66 -19.14
CA GLN B 293 6.98 5.00 -18.59
C GLN B 293 7.17 6.01 -19.71
N CYS B 294 6.99 7.27 -19.38
CA CYS B 294 7.27 8.35 -20.32
C CYS B 294 8.75 8.41 -20.61
N LYS B 295 9.09 8.66 -21.89
CA LYS B 295 10.50 8.70 -22.26
C LYS B 295 11.19 9.95 -21.74
N ILE B 296 10.44 11.02 -21.50
CA ILE B 296 11.02 12.30 -21.10
C ILE B 296 10.94 12.45 -19.59
N CYS B 297 9.72 12.48 -19.04
CA CYS B 297 9.51 12.75 -17.62
C CYS B 297 9.40 11.47 -16.78
N ALA B 298 9.51 10.29 -17.39
CA ALA B 298 9.54 9.02 -16.68
C ALA B 298 8.31 8.81 -15.81
N SER B 299 7.16 9.31 -16.25
CA SER B 299 5.91 9.09 -15.54
C SER B 299 5.21 7.85 -16.08
N HIS B 300 4.53 7.13 -15.19
CA HIS B 300 3.81 5.93 -15.60
C HIS B 300 2.68 6.29 -16.55
N ILE B 301 2.73 5.75 -17.76
CA ILE B 301 1.66 5.93 -18.72
C ILE B 301 0.78 4.69 -18.84
N GLY B 302 1.34 3.50 -18.63
CA GLY B 302 0.54 2.29 -18.71
C GLY B 302 1.42 1.06 -18.80
N TRP B 303 0.91 0.04 -19.49
CA TRP B 303 1.64 -1.20 -19.69
C TRP B 303 1.62 -1.58 -21.16
N LYS B 304 2.64 -2.31 -21.58
CA LYS B 304 2.68 -2.93 -22.90
C LYS B 304 2.43 -4.42 -22.72
N PHE B 305 1.39 -4.94 -23.38
CA PHE B 305 1.03 -6.35 -23.28
C PHE B 305 1.63 -7.10 -24.45
N THR B 306 2.31 -8.21 -24.15
CA THR B 306 2.93 -9.05 -25.17
C THR B 306 2.38 -10.47 -25.05
N ALA B 307 2.08 -11.07 -26.19
CA ALA B 307 1.48 -12.39 -26.23
C ALA B 307 2.50 -13.47 -25.91
N THR B 308 2.07 -14.48 -25.14
CA THR B 308 2.94 -15.57 -24.73
C THR B 308 2.86 -16.78 -25.66
N LYS B 309 2.02 -16.73 -26.69
CA LYS B 309 1.98 -17.77 -27.71
C LYS B 309 2.13 -17.12 -29.08
N LYS B 310 2.61 -17.92 -30.03
CA LYS B 310 2.78 -17.44 -31.40
C LYS B 310 1.55 -17.68 -32.25
N ASP B 311 0.56 -18.44 -31.74
CA ASP B 311 -0.67 -18.69 -32.46
C ASP B 311 -1.67 -17.55 -32.33
N MET B 312 -1.70 -16.89 -31.18
CA MET B 312 -2.65 -15.81 -30.95
C MET B 312 -2.21 -14.52 -31.62
N SER B 313 -3.15 -13.59 -31.74
CA SER B 313 -2.94 -12.31 -32.40
C SER B 313 -3.91 -11.31 -31.77
N PRO B 314 -3.49 -10.05 -31.58
CA PRO B 314 -2.18 -9.49 -31.93
C PRO B 314 -1.08 -9.95 -30.98
N GLN B 315 0.16 -9.95 -31.46
CA GLN B 315 1.28 -10.35 -30.60
C GLN B 315 1.54 -9.32 -29.52
N LYS B 316 1.32 -8.04 -29.81
CA LYS B 316 1.57 -6.98 -28.86
C LYS B 316 0.49 -5.91 -28.96
N PHE B 317 0.27 -5.21 -27.85
CA PHE B 317 -0.61 -4.05 -27.80
C PHE B 317 -0.32 -3.34 -26.48
N TRP B 318 -0.91 -2.15 -26.34
CA TRP B 318 -0.64 -1.30 -25.19
C TRP B 318 -1.93 -0.99 -24.43
N GLY B 319 -1.77 -0.68 -23.14
CA GLY B 319 -2.88 -0.29 -22.29
C GLY B 319 -2.52 0.91 -21.43
N LEU B 320 -2.93 2.10 -21.86
CA LEU B 320 -2.57 3.35 -21.21
C LEU B 320 -3.68 3.80 -20.28
N THR B 321 -3.30 4.23 -19.07
CA THR B 321 -4.28 4.72 -18.10
C THR B 321 -4.80 6.10 -18.51
N ARG B 322 -6.08 6.33 -18.25
CA ARG B 322 -6.69 7.62 -18.58
C ARG B 322 -6.07 8.76 -17.77
N SER B 323 -5.69 8.48 -16.52
CA SER B 323 -5.24 9.54 -15.61
C SER B 323 -3.89 10.11 -16.00
N ALA B 324 -3.11 9.42 -16.82
CA ALA B 324 -1.80 9.90 -17.25
C ALA B 324 -1.85 10.63 -18.59
N LEU B 325 -3.01 10.68 -19.24
CA LEU B 325 -3.13 11.22 -20.58
C LEU B 325 -4.02 12.45 -20.59
N ILE B 326 -3.66 13.42 -21.42
CA ILE B 326 -4.54 14.53 -21.78
C ILE B 326 -4.59 14.61 -23.30
N PRO B 327 -5.78 14.66 -23.90
CA PRO B 327 -5.85 14.84 -25.36
C PRO B 327 -5.41 16.23 -25.76
N THR B 328 -5.12 16.39 -27.05
CA THR B 328 -4.69 17.67 -27.61
C THR B 328 -5.30 17.90 -28.99
#